data_1MT3
#
_entry.id   1MT3
#
_cell.length_a   51.968
_cell.length_b   60.759
_cell.length_c   80.678
_cell.angle_alpha   90.00
_cell.angle_beta   90.00
_cell.angle_gamma   90.00
#
_symmetry.space_group_name_H-M   'P 21 21 21'
#
loop_
_entity.id
_entity.type
_entity.pdbx_description
1 polymer 'Proline iminopeptidase'
2 non-polymer '2-(N-MORPHOLINO)-ETHANESULFONIC ACID'
3 water water
#
_entity_poly.entity_id   1
_entity_poly.type   'polypeptide(L)'
_entity_poly.pdbx_seq_one_letter_code
;(MSE)DQECIENYAKVNGIYIYYKLCKAPEEKAKL(MSE)T(MSE)HGGPG(MSE)SHDYLLSLRD(MSE)TKEGITVLF
YDQFGCGRSEEPDQSKFTIDYGVEEAEALRSKLFGNEKVFL(MSE)GSSYGGALALAYAVKYQDHLKGLIVSGGLSSVPL
TVKE(MSE)NRLIDELPAKYRDAIKKYGSSGSYENPEYQEAVNYFYHQHLLRSEDWPPEVLKSLEYAERRNVYRI(MSE)
NGPNEFTITGTIKDWDITDKISAIKIPTLITVGEYDEVTPNVARVIHEKIAGSELHVFRDCSHLT(MSE)WEDREGYNKL
LSDFILKHL
;
_entity_poly.pdbx_strand_id   A
#
loop_
_chem_comp.id
_chem_comp.type
_chem_comp.name
_chem_comp.formula
MES non-polymer '2-(N-MORPHOLINO)-ETHANESULFONIC ACID' 'C6 H13 N O4 S'
#
# COMPACT_ATOMS: atom_id res chain seq x y z
N MSE A 1 18.50 12.84 -16.39
CA MSE A 1 17.55 13.64 -15.55
C MSE A 1 16.85 12.45 -14.86
O MSE A 1 17.07 12.22 -13.66
CB MSE A 1 16.69 14.45 -16.54
CG MSE A 1 15.92 15.71 -16.07
SE MSE A 1 16.46 16.82 -14.60
CE MSE A 1 14.74 16.83 -13.73
N ASP A 2 16.05 11.70 -15.62
CA ASP A 2 15.37 10.42 -15.25
C ASP A 2 16.00 9.55 -16.36
N GLN A 3 15.83 8.21 -16.35
CA GLN A 3 16.48 7.31 -17.36
C GLN A 3 15.69 6.23 -18.09
N GLU A 4 14.37 6.37 -18.13
CA GLU A 4 13.48 5.37 -18.72
C GLU A 4 13.46 4.14 -17.84
N CYS A 5 12.40 4.03 -17.04
CA CYS A 5 12.30 2.89 -16.16
C CYS A 5 12.34 1.67 -17.08
N ILE A 6 12.86 0.56 -16.59
CA ILE A 6 12.93 -0.64 -17.40
C ILE A 6 11.85 -1.61 -16.95
N GLU A 7 11.11 -2.14 -17.91
CA GLU A 7 10.03 -3.07 -17.64
C GLU A 7 10.36 -4.48 -18.12
N ASN A 8 9.87 -5.48 -17.39
CA ASN A 8 10.15 -6.86 -17.74
C ASN A 8 9.13 -7.82 -17.12
N TYR A 9 9.09 -9.04 -17.65
CA TYR A 9 8.20 -10.07 -17.15
C TYR A 9 9.07 -11.02 -16.36
N ALA A 10 8.62 -11.36 -15.17
CA ALA A 10 9.40 -12.28 -14.38
C ALA A 10 8.90 -13.69 -14.57
N LYS A 11 8.72 -14.36 -13.45
CA LYS A 11 8.27 -15.72 -13.40
C LYS A 11 8.86 -16.05 -12.08
N VAL A 12 8.13 -15.73 -11.03
CA VAL A 12 8.56 -16.02 -9.68
C VAL A 12 8.03 -17.43 -9.56
N ASN A 13 7.86 -17.91 -8.34
CA ASN A 13 7.36 -19.27 -8.21
C ASN A 13 6.08 -19.47 -8.99
N GLY A 14 6.21 -20.19 -10.10
CA GLY A 14 5.10 -20.54 -10.96
C GLY A 14 4.40 -19.56 -11.86
N ILE A 15 4.35 -18.27 -11.52
CA ILE A 15 3.61 -17.33 -12.34
C ILE A 15 4.37 -16.12 -12.85
N TYR A 16 3.77 -15.43 -13.81
CA TYR A 16 4.36 -14.26 -14.43
C TYR A 16 4.04 -12.95 -13.73
N ILE A 17 5.08 -12.36 -13.18
CA ILE A 17 4.96 -11.10 -12.45
C ILE A 17 5.68 -9.98 -13.18
N TYR A 18 4.99 -8.86 -13.35
CA TYR A 18 5.55 -7.69 -13.99
C TYR A 18 6.31 -6.84 -12.95
N TYR A 19 7.48 -6.32 -13.34
CA TYR A 19 8.27 -5.46 -12.46
C TYR A 19 9.03 -4.40 -13.23
N LYS A 20 8.93 -3.16 -12.76
CA LYS A 20 9.58 -1.99 -13.36
C LYS A 20 10.66 -1.48 -12.41
N LEU A 21 11.92 -1.54 -12.84
CA LEU A 21 13.02 -1.10 -12.00
C LEU A 21 13.72 0.15 -12.50
N CYS A 22 13.46 1.26 -11.84
CA CYS A 22 14.07 2.53 -12.20
C CYS A 22 15.35 2.67 -11.36
N LYS A 23 16.50 2.65 -12.03
CA LYS A 23 17.78 2.73 -11.36
C LYS A 23 18.46 4.11 -11.25
N ALA A 24 19.59 4.11 -10.55
CA ALA A 24 20.51 5.23 -10.27
C ALA A 24 20.22 6.62 -10.90
N PRO A 25 21.25 7.45 -11.19
CA PRO A 25 22.71 7.39 -11.06
C PRO A 25 23.19 7.42 -9.62
N GLU A 26 24.41 6.92 -9.39
CA GLU A 26 25.01 6.90 -8.06
C GLU A 26 24.20 6.03 -7.10
N GLU A 27 24.20 4.73 -7.35
CA GLU A 27 23.46 3.80 -6.51
C GLU A 27 23.93 3.76 -5.06
N LYS A 28 23.06 4.21 -4.14
CA LYS A 28 23.36 4.20 -2.71
C LYS A 28 22.62 3.06 -2.02
N ALA A 29 21.41 2.78 -2.50
CA ALA A 29 20.58 1.71 -1.97
C ALA A 29 19.37 1.49 -2.90
N LYS A 30 18.72 0.35 -2.72
CA LYS A 30 17.54 0.02 -3.54
C LYS A 30 16.31 0.00 -2.64
N LEU A 31 15.18 0.38 -3.23
CA LEU A 31 13.90 0.42 -2.52
C LEU A 31 12.83 -0.40 -3.23
N MSE A 32 12.39 -1.51 -2.63
CA MSE A 32 11.34 -2.32 -3.23
C MSE A 32 10.00 -1.76 -2.74
O MSE A 32 9.84 -1.45 -1.55
CB MSE A 32 11.52 -3.77 -2.80
CG MSE A 32 10.77 -4.76 -3.65
SE MSE A 32 10.98 -6.55 -2.98
CE MSE A 32 12.85 -6.83 -3.39
N THR A 33 9.04 -1.60 -3.65
CA THR A 33 7.72 -1.05 -3.31
C THR A 33 6.52 -2.03 -3.45
N MSE A 34 5.50 -1.79 -2.65
CA MSE A 34 4.31 -2.64 -2.66
C MSE A 34 3.03 -1.82 -2.74
O MSE A 34 2.71 -1.10 -1.80
CB MSE A 34 4.26 -3.50 -1.40
CG MSE A 34 5.52 -4.27 -1.14
SE MSE A 34 5.46 -5.25 0.49
CE MSE A 34 6.44 -6.88 0.01
N HIS A 35 2.31 -1.93 -3.86
CA HIS A 35 1.08 -1.18 -4.02
C HIS A 35 0.00 -1.72 -3.07
N GLY A 36 -1.09 -0.98 -2.95
CA GLY A 36 -2.16 -1.36 -2.05
C GLY A 36 -3.27 -2.16 -2.71
N GLY A 37 -4.47 -2.03 -2.15
CA GLY A 37 -5.63 -2.74 -2.64
C GLY A 37 -6.25 -3.47 -1.46
N PRO A 38 -6.02 -4.79 -1.34
CA PRO A 38 -5.21 -5.62 -2.25
C PRO A 38 -5.85 -5.66 -3.63
N GLY A 39 -5.04 -5.69 -4.68
CA GLY A 39 -5.65 -5.77 -5.99
C GLY A 39 -5.54 -4.57 -6.89
N MSE A 40 -4.73 -3.58 -6.52
CA MSE A 40 -4.53 -2.41 -7.37
C MSE A 40 -3.34 -2.73 -8.29
O MSE A 40 -3.26 -3.82 -8.85
CB MSE A 40 -4.25 -1.17 -6.52
CG MSE A 40 -5.35 -0.96 -5.50
SE MSE A 40 -5.40 0.79 -4.68
CE MSE A 40 -6.68 1.44 -5.97
N SER A 41 -2.42 -1.78 -8.47
CA SER A 41 -1.25 -1.99 -9.31
C SER A 41 -0.19 -1.00 -8.87
N HIS A 42 1.03 -1.17 -9.40
CA HIS A 42 2.17 -0.32 -9.04
C HIS A 42 2.03 1.14 -9.50
N ASP A 43 1.20 1.36 -10.51
CA ASP A 43 1.04 2.68 -11.11
C ASP A 43 0.82 3.87 -10.21
N TYR A 44 -0.05 3.76 -9.20
CA TYR A 44 -0.30 4.89 -8.33
C TYR A 44 0.88 5.24 -7.44
N LEU A 45 1.90 4.39 -7.43
CA LEU A 45 3.12 4.65 -6.63
C LEU A 45 4.25 5.24 -7.48
N LEU A 46 3.99 5.48 -8.77
CA LEU A 46 5.00 6.02 -9.68
C LEU A 46 5.63 7.34 -9.28
N SER A 47 4.91 8.14 -8.47
CA SER A 47 5.43 9.42 -8.02
C SER A 47 6.73 9.24 -7.21
N LEU A 48 6.92 8.06 -6.63
CA LEU A 48 8.11 7.76 -5.86
C LEU A 48 9.34 7.59 -6.76
N ARG A 49 9.16 7.78 -8.07
CA ARG A 49 10.25 7.67 -9.03
C ARG A 49 11.31 8.74 -8.76
N ASP A 50 10.88 9.91 -8.32
CA ASP A 50 11.79 11.02 -8.05
C ASP A 50 13.01 10.65 -7.22
N MSE A 51 12.85 9.68 -6.34
CA MSE A 51 13.96 9.28 -5.49
C MSE A 51 15.13 8.58 -6.19
O MSE A 51 16.05 8.09 -5.55
CB MSE A 51 13.44 8.40 -4.36
CG MSE A 51 12.31 9.08 -3.55
SE MSE A 51 11.94 8.07 -1.97
CE MSE A 51 11.63 6.35 -2.76
N THR A 52 15.09 8.52 -7.53
CA THR A 52 16.16 7.87 -8.28
C THR A 52 17.27 8.88 -8.45
N LYS A 53 16.89 10.15 -8.49
CA LYS A 53 17.84 11.24 -8.64
C LYS A 53 18.52 11.50 -7.29
N GLU A 54 18.20 10.67 -6.31
CA GLU A 54 18.78 10.80 -4.98
C GLU A 54 19.69 9.61 -4.74
N GLY A 55 19.89 8.78 -5.76
CA GLY A 55 20.74 7.63 -5.61
C GLY A 55 20.01 6.42 -5.06
N ILE A 56 18.69 6.51 -5.10
CA ILE A 56 17.85 5.42 -4.62
C ILE A 56 17.11 4.80 -5.78
N THR A 57 17.30 3.49 -5.94
CA THR A 57 16.62 2.76 -7.00
C THR A 57 15.28 2.28 -6.48
N VAL A 58 14.22 2.60 -7.22
CA VAL A 58 12.89 2.19 -6.83
C VAL A 58 12.35 1.04 -7.70
N LEU A 59 12.14 -0.14 -7.08
CA LEU A 59 11.62 -1.32 -7.77
C LEU A 59 10.09 -1.38 -7.70
N PHE A 60 9.45 -1.34 -8.86
CA PHE A 60 8.00 -1.42 -8.96
C PHE A 60 7.59 -2.81 -9.44
N TYR A 61 6.34 -3.18 -9.17
CA TYR A 61 5.81 -4.45 -9.63
C TYR A 61 4.34 -4.63 -9.24
N ASP A 62 3.65 -5.41 -10.06
CA ASP A 62 2.24 -5.70 -9.85
C ASP A 62 2.29 -7.03 -9.14
N GLN A 63 1.70 -7.08 -7.96
CA GLN A 63 1.69 -8.29 -7.17
C GLN A 63 0.86 -9.37 -7.84
N PHE A 64 0.89 -10.58 -7.32
CA PHE A 64 0.09 -11.63 -7.93
C PHE A 64 -1.36 -11.18 -8.24
N GLY A 65 -1.85 -11.57 -9.42
CA GLY A 65 -3.19 -11.25 -9.85
C GLY A 65 -3.52 -9.79 -10.12
N CYS A 66 -2.53 -8.91 -10.00
CA CYS A 66 -2.75 -7.48 -10.19
C CYS A 66 -2.15 -6.94 -11.47
N GLY A 67 -2.70 -5.83 -11.92
CA GLY A 67 -2.22 -5.16 -13.11
C GLY A 67 -1.88 -6.03 -14.29
N ARG A 68 -0.58 -6.18 -14.52
CA ARG A 68 -0.04 -6.94 -15.64
C ARG A 68 0.39 -8.33 -15.25
N SER A 69 0.47 -8.62 -13.96
CA SER A 69 0.88 -9.93 -13.52
C SER A 69 -0.22 -10.95 -13.72
N GLU A 70 0.14 -12.21 -13.85
CA GLU A 70 -0.90 -13.22 -14.00
C GLU A 70 -1.28 -13.73 -12.60
N GLU A 71 -2.55 -14.05 -12.38
CA GLU A 71 -2.93 -14.52 -11.05
C GLU A 71 -2.71 -16.01 -10.90
N PRO A 72 -2.43 -16.45 -9.67
CA PRO A 72 -2.20 -17.87 -9.40
C PRO A 72 -3.53 -18.50 -8.98
N ASP A 73 -3.45 -19.67 -8.36
CA ASP A 73 -4.63 -20.37 -7.89
C ASP A 73 -5.23 -19.51 -6.77
N GLN A 74 -6.55 -19.40 -6.76
CA GLN A 74 -7.28 -18.63 -5.75
C GLN A 74 -6.82 -18.94 -4.34
N SER A 75 -6.52 -20.20 -4.06
CA SER A 75 -6.08 -20.63 -2.72
C SER A 75 -4.80 -19.91 -2.29
N LYS A 76 -4.15 -19.23 -3.24
CA LYS A 76 -2.94 -18.49 -2.94
C LYS A 76 -3.17 -16.98 -2.78
N PHE A 77 -4.43 -16.56 -2.77
CA PHE A 77 -4.74 -15.14 -2.58
C PHE A 77 -4.59 -14.87 -1.09
N THR A 78 -3.34 -14.74 -0.67
CA THR A 78 -3.06 -14.52 0.73
C THR A 78 -1.92 -13.53 0.88
N ILE A 79 -1.84 -12.96 2.07
CA ILE A 79 -0.80 -12.02 2.43
C ILE A 79 0.50 -12.84 2.58
N ASP A 80 0.38 -14.07 3.10
CA ASP A 80 1.56 -14.94 3.28
C ASP A 80 2.21 -15.28 1.94
N TYR A 81 1.38 -15.51 0.91
CA TYR A 81 1.90 -15.81 -0.42
C TYR A 81 2.54 -14.55 -1.04
N GLY A 82 1.87 -13.42 -0.83
CA GLY A 82 2.38 -12.17 -1.34
C GLY A 82 3.76 -11.92 -0.74
N VAL A 83 3.96 -12.36 0.49
CA VAL A 83 5.25 -12.21 1.17
C VAL A 83 6.25 -13.07 0.43
N GLU A 84 5.94 -14.36 0.26
CA GLU A 84 6.86 -15.24 -0.43
C GLU A 84 7.10 -14.74 -1.83
N GLU A 85 6.10 -14.15 -2.46
CA GLU A 85 6.26 -13.64 -3.81
C GLU A 85 7.26 -12.49 -3.85
N ALA A 86 7.22 -11.65 -2.82
CA ALA A 86 8.14 -10.51 -2.73
C ALA A 86 9.54 -10.99 -2.41
N GLU A 87 9.66 -11.87 -1.43
CA GLU A 87 10.97 -12.41 -1.05
C GLU A 87 11.58 -13.10 -2.26
N ALA A 88 10.81 -14.00 -2.87
CA ALA A 88 11.27 -14.74 -4.04
C ALA A 88 11.80 -13.79 -5.11
N LEU A 89 11.04 -12.74 -5.40
CA LEU A 89 11.46 -11.79 -6.42
C LEU A 89 12.79 -11.16 -6.03
N ARG A 90 12.87 -10.64 -4.80
CA ARG A 90 14.08 -9.99 -4.28
C ARG A 90 15.27 -10.91 -4.47
N SER A 91 15.20 -12.09 -3.86
CA SER A 91 16.27 -13.09 -3.94
C SER A 91 16.67 -13.40 -5.36
N LYS A 92 15.69 -13.66 -6.23
CA LYS A 92 16.00 -14.01 -7.61
C LYS A 92 16.47 -12.79 -8.40
N LEU A 93 16.16 -11.60 -7.91
CA LEU A 93 16.52 -10.38 -8.62
C LEU A 93 17.74 -9.64 -8.07
N PHE A 94 18.05 -9.82 -6.80
CA PHE A 94 19.17 -9.13 -6.17
C PHE A 94 20.06 -10.07 -5.35
N GLY A 95 19.87 -11.36 -5.51
CA GLY A 95 20.69 -12.32 -4.78
C GLY A 95 20.57 -12.16 -3.28
N ASN A 96 21.66 -11.76 -2.63
CA ASN A 96 21.66 -11.61 -1.17
C ASN A 96 21.80 -10.18 -0.69
N GLU A 97 21.54 -9.22 -1.57
CA GLU A 97 21.65 -7.84 -1.17
C GLU A 97 20.60 -7.44 -0.12
N LYS A 98 20.90 -6.38 0.62
CA LYS A 98 19.98 -5.83 1.63
C LYS A 98 19.22 -4.80 0.83
N VAL A 99 18.00 -4.48 1.26
CA VAL A 99 17.19 -3.50 0.54
C VAL A 99 16.15 -2.82 1.44
N PHE A 100 15.68 -1.66 1.00
CA PHE A 100 14.65 -0.93 1.73
C PHE A 100 13.27 -1.30 1.19
N LEU A 101 12.34 -1.63 2.09
CA LEU A 101 10.99 -2.01 1.67
C LEU A 101 9.94 -0.97 2.08
N MSE A 102 9.23 -0.42 1.08
CA MSE A 102 8.17 0.55 1.31
C MSE A 102 6.85 -0.18 1.04
O MSE A 102 6.83 -1.15 0.29
CB MSE A 102 8.30 1.74 0.34
CG MSE A 102 7.14 2.78 0.37
SE MSE A 102 5.72 2.29 -0.87
CE MSE A 102 4.63 3.86 -0.87
N GLY A 103 5.77 0.27 1.65
CA GLY A 103 4.49 -0.36 1.42
C GLY A 103 3.39 0.66 1.61
N SER A 104 2.44 0.66 0.68
CA SER A 104 1.33 1.59 0.76
C SER A 104 0.08 0.91 1.13
N SER A 105 -0.49 1.26 2.18
CA SER A 105 -1.74 0.71 2.49
C SER A 105 -1.87 -0.86 2.67
N TYR A 106 -2.62 -1.53 2.01
CA TYR A 106 -2.59 -3.02 2.13
C TYR A 106 -1.08 -3.37 1.88
N GLY A 107 -0.41 -2.61 0.99
CA GLY A 107 1.01 -2.86 0.71
C GLY A 107 1.81 -2.71 2.00
N GLY A 108 1.31 -1.82 2.89
CA GLY A 108 1.92 -1.54 4.19
C GLY A 108 1.78 -2.74 5.10
N ALA A 109 0.61 -3.36 5.07
CA ALA A 109 0.36 -4.58 5.85
C ALA A 109 1.25 -5.73 5.32
N LEU A 110 1.39 -5.80 4.00
CA LEU A 110 2.21 -6.81 3.35
C LEU A 110 3.69 -6.60 3.70
N ALA A 111 4.08 -5.34 3.72
CA ALA A 111 5.46 -4.98 4.06
C ALA A 111 5.77 -5.41 5.49
N LEU A 112 4.83 -5.17 6.40
CA LEU A 112 5.00 -5.54 7.80
C LEU A 112 5.13 -7.06 7.92
N ALA A 113 4.22 -7.81 7.28
CA ALA A 113 4.28 -9.27 7.32
C ALA A 113 5.62 -9.75 6.71
N TYR A 114 6.06 -9.10 5.63
CA TYR A 114 7.33 -9.45 5.00
C TYR A 114 8.44 -9.28 6.02
N ALA A 115 8.61 -8.04 6.47
CA ALA A 115 9.64 -7.66 7.45
C ALA A 115 9.65 -8.61 8.63
N VAL A 116 8.47 -8.96 9.14
CA VAL A 116 8.44 -9.83 10.30
C VAL A 116 9.20 -11.13 10.10
N LYS A 117 9.22 -11.61 8.86
CA LYS A 117 9.91 -12.86 8.55
C LYS A 117 11.28 -12.68 7.89
N TYR A 118 11.37 -11.72 6.97
CA TYR A 118 12.60 -11.48 6.24
C TYR A 118 13.23 -10.12 6.47
N GLN A 119 13.23 -9.63 7.70
CA GLN A 119 13.86 -8.33 7.95
C GLN A 119 15.36 -8.53 7.80
N ASP A 120 15.77 -9.79 7.81
CA ASP A 120 17.18 -10.17 7.65
C ASP A 120 17.66 -9.67 6.29
N HIS A 121 16.79 -9.84 5.30
CA HIS A 121 17.06 -9.41 3.93
C HIS A 121 16.73 -7.95 3.76
N LEU A 122 16.48 -7.26 4.88
CA LEU A 122 16.09 -5.84 4.86
C LEU A 122 17.00 -4.82 5.50
N LYS A 123 17.10 -3.66 4.84
CA LYS A 123 17.90 -2.55 5.35
C LYS A 123 17.02 -1.54 6.10
N GLY A 124 15.84 -1.24 5.56
CA GLY A 124 14.94 -0.29 6.18
C GLY A 124 13.49 -0.56 5.82
N LEU A 125 12.56 -0.02 6.61
CA LEU A 125 11.12 -0.22 6.37
C LEU A 125 10.28 1.05 6.36
N ILE A 126 9.40 1.20 5.37
CA ILE A 126 8.52 2.38 5.28
C ILE A 126 7.06 1.89 5.09
N VAL A 127 6.15 2.34 5.97
CA VAL A 127 4.76 1.93 5.96
C VAL A 127 3.90 3.18 5.82
N SER A 128 3.20 3.32 4.70
CA SER A 128 2.38 4.50 4.50
C SER A 128 0.87 4.19 4.39
N GLY A 129 0.11 4.67 5.35
CA GLY A 129 -1.33 4.40 5.35
C GLY A 129 -1.54 2.91 5.52
N GLY A 130 -0.58 2.26 6.20
CA GLY A 130 -0.61 0.82 6.44
C GLY A 130 -1.35 0.39 7.68
N LEU A 131 -1.37 -0.91 7.94
CA LEU A 131 -2.06 -1.42 9.10
C LEU A 131 -1.47 -2.76 9.56
N SER A 132 -1.56 -3.04 10.84
CA SER A 132 -1.10 -4.32 11.39
C SER A 132 -2.34 -5.18 11.68
N SER A 133 -3.53 -4.58 11.54
CA SER A 133 -4.79 -5.27 11.80
C SER A 133 -5.98 -4.81 10.91
N VAL A 134 -6.66 -5.75 10.26
CA VAL A 134 -7.80 -5.39 9.43
C VAL A 134 -9.00 -5.05 10.33
N PRO A 135 -9.20 -5.82 11.44
CA PRO A 135 -10.34 -5.47 12.31
C PRO A 135 -10.22 -4.05 12.87
N LEU A 136 -9.01 -3.64 13.26
CA LEU A 136 -8.84 -2.28 13.81
C LEU A 136 -9.14 -1.21 12.75
N THR A 137 -8.61 -1.42 11.55
CA THR A 137 -8.83 -0.52 10.45
C THR A 137 -10.34 -0.37 10.20
N VAL A 138 -11.04 -1.50 10.08
CA VAL A 138 -12.47 -1.47 9.88
C VAL A 138 -13.18 -0.66 10.98
N LYS A 139 -12.83 -0.87 12.24
CA LYS A 139 -13.51 -0.09 13.28
C LYS A 139 -13.27 1.42 13.12
N GLU A 140 -12.06 1.80 12.72
CA GLU A 140 -11.76 3.21 12.52
C GLU A 140 -12.51 3.75 11.30
N MSE A 141 -12.59 2.97 10.24
CA MSE A 141 -13.29 3.42 9.04
C MSE A 141 -14.78 3.62 9.33
O MSE A 141 -15.43 4.49 8.75
CB MSE A 141 -13.06 2.41 7.92
CG MSE A 141 -12.47 3.02 6.67
SE MSE A 141 -11.67 1.75 5.50
CE MSE A 141 -9.81 2.23 5.78
N ASN A 142 -15.32 2.79 10.22
CA ASN A 142 -16.73 2.89 10.63
C ASN A 142 -16.98 4.23 11.35
N ARG A 143 -16.00 4.72 12.09
CA ARG A 143 -16.16 5.98 12.76
C ARG A 143 -16.19 7.10 11.71
N LEU A 144 -15.26 7.03 10.76
CA LEU A 144 -15.22 8.03 9.70
C LEU A 144 -16.54 8.04 8.94
N ILE A 145 -17.14 6.87 8.77
CA ILE A 145 -18.42 6.80 8.08
C ILE A 145 -19.52 7.45 8.87
N ASP A 146 -19.46 7.32 10.19
CA ASP A 146 -20.46 7.91 11.04
C ASP A 146 -20.35 9.42 11.14
N GLU A 147 -19.21 10.00 10.76
CA GLU A 147 -19.03 11.45 10.84
C GLU A 147 -19.46 12.06 9.53
N LEU A 148 -19.84 11.18 8.61
CA LEU A 148 -20.30 11.57 7.31
C LEU A 148 -21.71 12.18 7.43
N PRO A 149 -22.09 13.06 6.49
CA PRO A 149 -23.42 13.66 6.53
C PRO A 149 -24.50 12.55 6.49
N ALA A 150 -25.57 12.77 7.24
CA ALA A 150 -26.63 11.79 7.35
C ALA A 150 -26.92 11.08 6.05
N LYS A 151 -27.06 11.84 4.98
CA LYS A 151 -27.38 11.25 3.69
C LYS A 151 -26.48 10.07 3.32
N TYR A 152 -25.21 10.36 3.07
CA TYR A 152 -24.24 9.34 2.68
C TYR A 152 -24.09 8.22 3.70
N ARG A 153 -24.16 8.54 4.98
CA ARG A 153 -24.08 7.53 6.03
C ARG A 153 -25.29 6.59 5.93
N ASP A 154 -26.50 7.15 5.88
CA ASP A 154 -27.73 6.36 5.77
C ASP A 154 -27.74 5.53 4.48
N ALA A 155 -27.27 6.13 3.38
CA ALA A 155 -27.21 5.45 2.11
C ALA A 155 -26.27 4.23 2.14
N ILE A 156 -25.26 4.27 3.01
CA ILE A 156 -24.31 3.18 3.17
C ILE A 156 -24.88 2.08 4.06
N LYS A 157 -25.61 2.49 5.09
CA LYS A 157 -26.24 1.55 6.00
C LYS A 157 -27.56 1.00 5.44
N LYS A 158 -27.92 1.40 4.22
CA LYS A 158 -29.14 0.90 3.61
C LYS A 158 -28.81 0.03 2.41
N TYR A 159 -28.15 0.61 1.44
CA TYR A 159 -27.79 -0.13 0.24
C TYR A 159 -26.58 -1.05 0.47
N GLY A 160 -25.82 -0.78 1.53
CA GLY A 160 -24.67 -1.62 1.83
C GLY A 160 -25.13 -2.92 2.46
N SER A 161 -26.28 -2.87 3.13
CA SER A 161 -26.87 -4.04 3.80
C SER A 161 -27.67 -4.93 2.85
N SER A 162 -27.87 -4.49 1.62
CA SER A 162 -28.61 -5.29 0.66
C SER A 162 -27.77 -5.66 -0.54
N GLY A 163 -26.47 -5.37 -0.47
CA GLY A 163 -25.57 -5.69 -1.55
C GLY A 163 -25.77 -4.79 -2.76
N SER A 164 -26.53 -3.72 -2.57
CA SER A 164 -26.81 -2.80 -3.65
C SER A 164 -25.66 -1.81 -3.84
N TYR A 165 -24.44 -2.34 -3.97
CA TYR A 165 -23.26 -1.53 -4.15
C TYR A 165 -23.31 -0.80 -5.49
N GLU A 166 -24.18 -1.25 -6.39
CA GLU A 166 -24.28 -0.62 -7.71
C GLU A 166 -25.20 0.61 -7.67
N ASN A 167 -26.08 0.64 -6.67
CA ASN A 167 -27.02 1.74 -6.51
C ASN A 167 -26.29 3.07 -6.63
N PRO A 168 -26.90 4.05 -7.32
CA PRO A 168 -26.26 5.36 -7.47
C PRO A 168 -26.10 6.10 -6.13
N GLU A 169 -27.11 6.05 -5.28
CA GLU A 169 -27.05 6.74 -3.99
C GLU A 169 -25.95 6.11 -3.12
N TYR A 170 -25.45 4.96 -3.57
CA TYR A 170 -24.42 4.29 -2.81
C TYR A 170 -23.05 4.69 -3.33
N GLN A 171 -22.95 4.80 -4.66
CA GLN A 171 -21.70 5.19 -5.30
C GLN A 171 -21.40 6.65 -4.99
N GLU A 172 -22.46 7.43 -4.83
CA GLU A 172 -22.33 8.84 -4.53
C GLU A 172 -21.77 9.00 -3.12
N ALA A 173 -22.04 8.03 -2.26
CA ALA A 173 -21.56 8.05 -0.88
C ALA A 173 -20.10 7.59 -0.84
N VAL A 174 -19.73 6.72 -1.77
CA VAL A 174 -18.36 6.21 -1.83
C VAL A 174 -17.40 7.28 -2.34
N ASN A 175 -17.88 8.13 -3.26
CA ASN A 175 -17.07 9.19 -3.84
C ASN A 175 -16.81 10.29 -2.84
N TYR A 176 -17.81 10.57 -2.02
CA TYR A 176 -17.70 11.59 -1.00
C TYR A 176 -16.60 11.14 -0.02
N PHE A 177 -16.69 9.90 0.44
CA PHE A 177 -15.72 9.33 1.41
C PHE A 177 -14.33 9.36 0.82
N TYR A 178 -14.21 8.84 -0.39
CA TYR A 178 -12.93 8.79 -1.09
C TYR A 178 -12.26 10.16 -1.25
N HIS A 179 -13.05 11.18 -1.56
CA HIS A 179 -12.50 12.51 -1.80
C HIS A 179 -12.25 13.26 -0.53
N GLN A 180 -12.35 12.52 0.55
CA GLN A 180 -12.15 13.09 1.85
C GLN A 180 -11.05 12.30 2.57
N HIS A 181 -11.05 10.97 2.34
CA HIS A 181 -10.10 10.07 3.01
C HIS A 181 -9.21 9.20 2.15
N LEU A 182 -9.42 9.26 0.83
CA LEU A 182 -8.57 8.49 -0.05
C LEU A 182 -7.55 9.40 -0.74
N LEU A 183 -8.06 10.45 -1.39
CA LEU A 183 -7.24 11.44 -2.10
C LEU A 183 -8.02 12.73 -2.06
N ARG A 184 -7.40 13.78 -1.51
CA ARG A 184 -8.07 15.08 -1.38
C ARG A 184 -7.67 16.07 -2.47
N SER A 185 -7.50 15.61 -3.69
CA SER A 185 -7.12 16.53 -4.75
C SER A 185 -8.23 16.74 -5.77
N GLU A 186 -8.18 17.90 -6.44
CA GLU A 186 -9.16 18.26 -7.47
C GLU A 186 -9.09 17.22 -8.57
N ASP A 187 -7.94 17.26 -9.23
CA ASP A 187 -7.62 16.42 -10.37
C ASP A 187 -6.84 15.16 -9.95
N TRP A 188 -7.54 14.04 -9.82
CA TRP A 188 -6.88 12.78 -9.47
C TRP A 188 -5.94 12.47 -10.63
N PRO A 189 -4.65 12.29 -10.33
CA PRO A 189 -3.70 11.99 -11.41
C PRO A 189 -4.12 10.77 -12.23
N PRO A 190 -3.50 10.58 -13.41
CA PRO A 190 -3.82 9.44 -14.28
C PRO A 190 -3.39 8.10 -13.68
N GLU A 191 -2.24 8.10 -13.01
CA GLU A 191 -1.68 6.90 -12.41
C GLU A 191 -2.56 6.31 -11.33
N VAL A 192 -3.34 7.17 -10.68
CA VAL A 192 -4.23 6.72 -9.63
C VAL A 192 -5.40 5.98 -10.28
N LEU A 193 -5.94 6.56 -11.35
CA LEU A 193 -7.07 5.96 -12.05
C LEU A 193 -6.75 4.63 -12.68
N LYS A 194 -5.52 4.48 -13.17
CA LYS A 194 -5.12 3.25 -13.79
C LYS A 194 -5.12 2.13 -12.74
N SER A 195 -4.59 2.41 -11.55
CA SER A 195 -4.56 1.42 -10.48
C SER A 195 -5.99 1.11 -10.02
N LEU A 196 -6.83 2.13 -9.98
CA LEU A 196 -8.21 1.96 -9.58
C LEU A 196 -8.90 1.07 -10.61
N GLU A 197 -8.67 1.39 -11.88
CA GLU A 197 -9.21 0.64 -13.01
C GLU A 197 -8.76 -0.82 -12.90
N TYR A 198 -7.46 -1.02 -12.66
CA TYR A 198 -6.90 -2.36 -12.51
C TYR A 198 -7.53 -3.12 -11.33
N ALA A 199 -7.86 -2.42 -10.26
CA ALA A 199 -8.45 -3.07 -9.11
C ALA A 199 -9.78 -3.69 -9.51
N GLU A 200 -10.57 -2.94 -10.26
CA GLU A 200 -11.88 -3.42 -10.70
C GLU A 200 -11.79 -4.43 -11.84
N ARG A 201 -10.76 -4.31 -12.66
CA ARG A 201 -10.60 -5.22 -13.78
C ARG A 201 -10.21 -6.64 -13.36
N ARG A 202 -9.25 -6.78 -12.45
CA ARG A 202 -8.80 -8.10 -12.02
C ARG A 202 -9.71 -8.65 -10.92
N ASN A 203 -9.36 -9.79 -10.36
CA ASN A 203 -10.19 -10.40 -9.32
C ASN A 203 -9.66 -10.36 -7.89
N VAL A 204 -8.44 -9.87 -7.70
CA VAL A 204 -7.83 -9.80 -6.37
C VAL A 204 -8.61 -8.95 -5.37
N TYR A 205 -8.94 -7.71 -5.76
CA TYR A 205 -9.64 -6.80 -4.85
C TYR A 205 -10.98 -7.36 -4.38
N ARG A 206 -11.83 -7.74 -5.32
CA ARG A 206 -13.14 -8.31 -5.01
C ARG A 206 -13.05 -9.50 -4.05
N ILE A 207 -12.09 -10.40 -4.29
CA ILE A 207 -11.96 -11.59 -3.45
C ILE A 207 -11.26 -11.45 -2.07
N MSE A 208 -10.11 -10.78 -2.07
CA MSE A 208 -9.33 -10.58 -0.85
C MSE A 208 -9.83 -9.42 -0.01
O MSE A 208 -9.88 -9.51 1.22
CB MSE A 208 -7.85 -10.34 -1.18
CG MSE A 208 -7.08 -11.56 -1.64
SE MSE A 208 -5.15 -11.19 -1.93
CE MSE A 208 -4.65 -11.19 -0.07
N ASN A 209 -10.22 -8.34 -0.68
CA ASN A 209 -10.69 -7.18 0.05
C ASN A 209 -12.20 -7.05 0.18
N GLY A 210 -12.89 -6.89 -0.95
CA GLY A 210 -14.33 -6.73 -0.93
C GLY A 210 -14.77 -5.67 -1.94
N PRO A 211 -16.03 -5.20 -1.87
CA PRO A 211 -16.64 -4.19 -2.77
C PRO A 211 -15.90 -2.85 -2.83
N ASN A 212 -15.44 -2.37 -1.68
CA ASN A 212 -14.73 -1.09 -1.61
C ASN A 212 -13.88 -0.90 -0.35
N GLU A 213 -13.19 0.24 -0.30
CA GLU A 213 -12.32 0.59 0.82
C GLU A 213 -12.92 0.37 2.21
N PHE A 214 -14.20 0.71 2.38
CA PHE A 214 -14.80 0.57 3.70
C PHE A 214 -15.76 -0.62 3.87
N THR A 215 -15.76 -1.53 2.89
CA THR A 215 -16.60 -2.71 2.98
C THR A 215 -15.68 -3.93 2.82
N ILE A 216 -14.83 -4.17 3.81
CA ILE A 216 -13.88 -5.29 3.71
C ILE A 216 -14.43 -6.64 4.20
N THR A 217 -15.10 -7.32 3.28
CA THR A 217 -15.71 -8.61 3.57
C THR A 217 -14.93 -9.75 2.91
N GLY A 218 -13.80 -9.40 2.32
CA GLY A 218 -12.95 -10.37 1.63
C GLY A 218 -12.25 -11.32 2.57
N THR A 219 -11.35 -12.11 2.01
CA THR A 219 -10.59 -13.09 2.78
C THR A 219 -9.62 -12.54 3.84
N ILE A 220 -9.24 -11.27 3.76
CA ILE A 220 -8.35 -10.72 4.77
C ILE A 220 -9.11 -10.09 5.93
N LYS A 221 -10.44 -10.19 5.92
CA LYS A 221 -11.24 -9.56 6.97
C LYS A 221 -10.75 -9.75 8.40
N ASP A 222 -10.16 -10.91 8.72
CA ASP A 222 -9.70 -11.13 10.09
C ASP A 222 -8.18 -11.04 10.28
N TRP A 223 -7.47 -10.67 9.23
CA TRP A 223 -6.02 -10.56 9.32
C TRP A 223 -5.61 -9.57 10.40
N ASP A 224 -4.63 -9.95 11.22
CA ASP A 224 -4.14 -9.10 12.30
C ASP A 224 -2.82 -9.66 12.83
N ILE A 225 -1.72 -8.98 12.57
CA ILE A 225 -0.42 -9.45 13.07
C ILE A 225 0.17 -8.38 13.98
N THR A 226 -0.69 -7.67 14.70
CA THR A 226 -0.23 -6.63 15.62
C THR A 226 0.74 -7.23 16.66
N ASP A 227 0.47 -8.47 17.08
CA ASP A 227 1.28 -9.16 18.07
C ASP A 227 2.64 -9.69 17.58
N LYS A 228 2.89 -9.60 16.29
CA LYS A 228 4.14 -10.07 15.74
C LYS A 228 5.14 -8.98 15.35
N ILE A 229 4.63 -7.82 14.98
CA ILE A 229 5.50 -6.74 14.49
C ILE A 229 6.55 -6.16 15.44
N SER A 230 6.37 -6.35 16.74
CA SER A 230 7.35 -5.83 17.67
C SER A 230 8.68 -6.54 17.47
N ALA A 231 8.65 -7.63 16.69
CA ALA A 231 9.83 -8.42 16.37
C ALA A 231 10.66 -7.71 15.36
N ILE A 232 10.07 -6.71 14.70
CA ILE A 232 10.79 -5.96 13.68
C ILE A 232 11.78 -5.04 14.43
N LYS A 233 13.08 -5.18 14.14
CA LYS A 233 14.08 -4.39 14.83
C LYS A 233 14.86 -3.37 13.96
N ILE A 234 14.58 -3.38 12.66
CA ILE A 234 15.19 -2.48 11.71
C ILE A 234 14.61 -1.06 11.76
N PRO A 235 15.34 -0.07 11.19
CA PRO A 235 14.84 1.33 11.18
C PRO A 235 13.50 1.34 10.43
N THR A 236 12.52 2.09 10.94
CA THR A 236 11.20 2.12 10.32
C THR A 236 10.52 3.50 10.33
N LEU A 237 9.91 3.84 9.20
CA LEU A 237 9.23 5.10 9.06
C LEU A 237 7.75 4.82 8.79
N ILE A 238 6.90 5.36 9.64
CA ILE A 238 5.48 5.18 9.47
C ILE A 238 4.86 6.54 9.15
N THR A 239 4.11 6.60 8.07
CA THR A 239 3.48 7.84 7.72
C THR A 239 2.00 7.58 7.57
N VAL A 240 1.22 8.62 7.76
CA VAL A 240 -0.22 8.54 7.67
C VAL A 240 -0.78 9.95 7.45
N GLY A 241 -1.86 10.06 6.68
CA GLY A 241 -2.44 11.37 6.48
C GLY A 241 -3.34 11.72 7.66
N GLU A 242 -3.52 13.02 7.88
CA GLU A 242 -4.38 13.53 8.92
C GLU A 242 -5.82 13.00 8.70
N TYR A 243 -6.29 13.07 7.47
CA TYR A 243 -7.65 12.63 7.13
C TYR A 243 -7.64 11.23 6.53
N ASP A 244 -6.53 10.52 6.72
CA ASP A 244 -6.35 9.15 6.17
C ASP A 244 -7.48 8.13 6.47
N GLU A 245 -7.99 7.47 5.43
CA GLU A 245 -9.07 6.49 5.67
C GLU A 245 -8.56 5.36 6.57
N VAL A 246 -7.25 5.11 6.55
CA VAL A 246 -6.67 4.11 7.46
C VAL A 246 -6.05 5.04 8.51
N THR A 247 -6.89 5.41 9.47
CA THR A 247 -6.56 6.36 10.49
C THR A 247 -5.20 6.35 11.20
N PRO A 248 -4.84 7.52 11.71
CA PRO A 248 -3.56 7.61 12.42
C PRO A 248 -3.52 6.75 13.69
N ASN A 249 -4.68 6.52 14.28
CA ASN A 249 -4.74 5.62 15.43
C ASN A 249 -4.22 4.25 14.98
N VAL A 250 -4.52 3.87 13.74
CA VAL A 250 -4.12 2.58 13.15
C VAL A 250 -2.62 2.62 12.95
N ALA A 251 -2.13 3.80 12.61
CA ALA A 251 -0.72 3.99 12.41
C ALA A 251 -0.01 3.93 13.77
N ARG A 252 -0.64 4.51 14.79
CA ARG A 252 -0.04 4.56 16.13
C ARG A 252 0.24 3.15 16.66
N VAL A 253 -0.70 2.25 16.45
CA VAL A 253 -0.55 0.86 16.91
C VAL A 253 0.72 0.25 16.33
N ILE A 254 1.03 0.55 15.07
CA ILE A 254 2.24 0.03 14.42
C ILE A 254 3.46 0.68 15.08
N HIS A 255 3.41 2.01 15.21
CA HIS A 255 4.48 2.78 15.81
C HIS A 255 4.87 2.25 17.20
N GLU A 256 3.88 2.10 18.08
CA GLU A 256 4.08 1.59 19.44
C GLU A 256 4.85 0.27 19.50
N LYS A 257 4.52 -0.62 18.59
CA LYS A 257 5.15 -1.95 18.49
C LYS A 257 6.57 -1.98 17.93
N ILE A 258 6.93 -1.06 17.04
CA ILE A 258 8.25 -1.10 16.46
C ILE A 258 9.17 -0.05 17.09
N ALA A 259 9.98 -0.50 18.05
CA ALA A 259 10.89 0.38 18.78
C ALA A 259 11.83 1.09 17.83
N GLY A 260 12.05 2.37 18.10
CA GLY A 260 12.91 3.17 17.24
C GLY A 260 12.23 3.68 15.98
N SER A 261 10.97 3.29 15.73
CA SER A 261 10.29 3.74 14.51
C SER A 261 9.88 5.20 14.64
N GLU A 262 9.75 5.91 13.53
CA GLU A 262 9.35 7.32 13.54
C GLU A 262 7.93 7.36 12.98
N LEU A 263 7.10 8.24 13.51
CA LEU A 263 5.74 8.33 12.97
C LEU A 263 5.47 9.75 12.48
N HIS A 264 5.04 9.90 11.23
CA HIS A 264 4.77 11.22 10.68
C HIS A 264 3.33 11.33 10.16
N VAL A 265 2.57 12.28 10.66
CA VAL A 265 1.18 12.52 10.21
C VAL A 265 1.17 13.74 9.28
N PHE A 266 0.94 13.51 8.00
CA PHE A 266 0.92 14.61 7.06
C PHE A 266 -0.37 15.41 7.21
N ARG A 267 -0.22 16.68 7.52
CA ARG A 267 -1.37 17.56 7.68
C ARG A 267 -2.05 17.77 6.33
N ASP A 268 -3.36 17.95 6.36
CA ASP A 268 -4.15 18.15 5.15
C ASP A 268 -4.00 17.07 4.07
N CYS A 269 -3.47 15.90 4.44
CA CYS A 269 -3.32 14.78 3.51
C CYS A 269 -4.23 13.65 4.02
N SER A 270 -4.49 12.68 3.17
CA SER A 270 -5.33 11.55 3.54
C SER A 270 -4.55 10.25 3.25
N HIS A 271 -5.09 9.40 2.39
CA HIS A 271 -4.46 8.12 2.09
C HIS A 271 -3.35 8.18 1.02
N LEU A 272 -3.64 8.80 -0.12
CA LEU A 272 -2.62 8.86 -1.17
C LEU A 272 -1.73 10.09 -1.06
N THR A 273 -0.95 10.12 0.03
CA THR A 273 -0.03 11.21 0.30
C THR A 273 1.12 11.39 -0.71
N MSE A 274 1.45 10.37 -1.51
CA MSE A 274 2.53 10.51 -2.49
C MSE A 274 2.12 11.54 -3.51
O MSE A 274 2.96 12.14 -4.17
CB MSE A 274 2.81 9.26 -3.35
CG MSE A 274 2.52 7.91 -2.81
SE MSE A 274 0.64 7.59 -2.68
CE MSE A 274 0.85 6.48 -1.11
N TRP A 275 0.82 11.73 -3.66
CA TRP A 275 0.32 12.68 -4.63
C TRP A 275 -0.10 13.99 -4.00
N GLU A 276 -0.61 13.92 -2.77
CA GLU A 276 -1.11 15.09 -2.05
C GLU A 276 0.02 16.05 -1.66
N ASP A 277 1.18 15.49 -1.32
CA ASP A 277 2.34 16.27 -0.94
C ASP A 277 3.52 15.48 -1.47
N ARG A 278 3.57 15.37 -2.79
CA ARG A 278 4.59 14.60 -3.48
C ARG A 278 6.03 14.89 -3.05
N GLU A 279 6.32 16.17 -2.86
CA GLU A 279 7.65 16.63 -2.52
C GLU A 279 8.11 16.39 -1.07
N GLY A 280 7.24 16.67 -0.10
CA GLY A 280 7.59 16.44 1.29
C GLY A 280 7.58 14.95 1.58
N TYR A 281 6.77 14.23 0.81
CA TYR A 281 6.67 12.77 0.98
C TYR A 281 7.97 12.13 0.46
N ASN A 282 8.33 12.48 -0.77
CA ASN A 282 9.54 11.94 -1.39
C ASN A 282 10.77 12.33 -0.56
N LYS A 283 10.75 13.54 -0.03
CA LYS A 283 11.85 14.06 0.78
C LYS A 283 11.99 13.28 2.08
N LEU A 284 10.87 13.12 2.77
CA LEU A 284 10.84 12.42 4.05
C LEU A 284 11.41 11.01 3.88
N LEU A 285 10.94 10.31 2.84
CA LEU A 285 11.42 8.96 2.59
C LEU A 285 12.88 8.89 2.21
N SER A 286 13.30 9.76 1.29
CA SER A 286 14.69 9.77 0.87
C SER A 286 15.61 10.15 2.02
N ASP A 287 15.17 11.06 2.90
CA ASP A 287 16.01 11.42 4.04
C ASP A 287 16.17 10.19 4.95
N PHE A 288 15.05 9.51 5.21
CA PHE A 288 15.05 8.32 6.05
C PHE A 288 15.97 7.25 5.51
N ILE A 289 15.86 6.99 4.22
CA ILE A 289 16.67 5.97 3.55
C ILE A 289 18.17 6.24 3.61
N LEU A 290 18.55 7.43 3.17
CA LEU A 290 19.96 7.80 3.15
C LEU A 290 20.63 7.77 4.51
N LYS A 291 19.95 8.29 5.52
CA LYS A 291 20.54 8.32 6.86
C LYS A 291 20.64 6.93 7.48
N HIS A 292 20.21 5.92 6.73
CA HIS A 292 20.25 4.55 7.22
C HIS A 292 20.95 3.58 6.25
N LEU A 293 21.98 4.06 5.57
CA LEU A 293 22.73 3.23 4.63
C LEU A 293 23.70 2.25 5.31
O1 MES B . -8.46 -2.35 4.26
C2 MES B . -8.77 -0.95 4.41
C3 MES B . -8.96 -0.36 3.02
N4 MES B . -7.61 -0.46 2.40
C5 MES B . -7.17 -1.90 2.33
C6 MES B . -7.17 -2.49 3.67
C7 MES B . -7.41 0.09 1.07
C8 MES B . -6.41 1.17 1.22
S MES B . -4.94 0.57 0.53
O1S MES B . -5.14 -0.88 0.40
O3S MES B . -4.73 1.21 -0.74
#